data_4KWI
#
_entry.id   4KWI
#
_cell.length_a   92.610
_cell.length_b   92.610
_cell.length_c   106.330
_cell.angle_alpha   90.000
_cell.angle_beta   90.000
_cell.angle_gamma   90.000
#
_symmetry.space_group_name_H-M   'P 41 21 2'
#
loop_
_entity.id
_entity.type
_entity.pdbx_description
1 polymer 'Reductase homolog'
2 non-polymer 'NADP NICOTINAMIDE-ADENINE-DINUCLEOTIDE PHOSPHATE'
3 non-polymer 1,8-dihydroxy-3-methyltetraphene-6,7,12(5H)-trione
4 non-polymer DI(HYDROXYETHYL)ETHER
5 water water
#
_entity_poly.entity_id   1
_entity_poly.type   'polypeptide(L)'
_entity_poly.pdbx_seq_one_letter_code
;MAHHHHHHHRSGNLTGKTALVTGASRGIGRAIAEKLGYAGALVAVHYATGADAAAEVAESIEKDGGRAFTVKAELGVPGD
VDVLFEGLERGLKERTGATDLDILVNNAGVMAMGAPEEVTPEMFDRMMAVNAKAPFFIVQRALSVMPDGGRIINVSSGLT
RVASPDQVTYGMSKGALEQIALHFSRHLGSRRITVNSVAPGSTDNGSALFQIPEVRETLSQLSTFGEVAEPAAIADVVAF
LASEDARWITGAFIDASGGTLLG
;
_entity_poly.pdbx_strand_id   A,B
#
# COMPACT_ATOMS: atom_id res chain seq x y z
N GLY A 12 2.76 2.17 20.42
CA GLY A 12 2.49 2.04 18.96
C GLY A 12 2.53 0.61 18.48
N ASN A 13 2.08 0.38 17.26
CA ASN A 13 2.02 -0.96 16.69
C ASN A 13 3.38 -1.61 16.38
N LEU A 14 4.48 -0.88 16.63
CA LEU A 14 5.84 -1.42 16.45
C LEU A 14 6.61 -1.57 17.77
N THR A 15 5.90 -1.57 18.89
CA THR A 15 6.53 -1.72 20.19
C THR A 15 7.17 -3.08 20.28
N GLY A 16 8.38 -3.14 20.83
CA GLY A 16 9.15 -4.38 20.88
C GLY A 16 9.96 -4.69 19.63
N LYS A 17 9.84 -3.86 18.60
CA LYS A 17 10.52 -4.11 17.31
C LYS A 17 11.82 -3.32 17.17
N THR A 18 12.69 -3.78 16.27
CA THR A 18 13.93 -3.09 15.95
C THR A 18 13.99 -2.80 14.44
N ALA A 19 14.70 -1.74 14.07
CA ALA A 19 14.67 -1.23 12.70
C ALA A 19 16.00 -0.60 12.31
N LEU A 20 16.46 -0.93 11.10
CA LEU A 20 17.57 -0.22 10.50
C LEU A 20 17.02 0.56 9.32
N VAL A 21 17.27 1.87 9.33
CA VAL A 21 16.95 2.74 8.20
C VAL A 21 18.28 3.29 7.66
N THR A 22 18.68 2.88 6.46
CA THR A 22 19.93 3.37 5.90
C THR A 22 19.67 4.78 5.36
N GLY A 23 20.71 5.62 5.36
CA GLY A 23 20.58 7.02 4.93
C GLY A 23 19.51 7.79 5.69
N ALA A 24 19.56 7.71 7.02
CA ALA A 24 18.52 8.26 7.89
C ALA A 24 18.86 9.65 8.47
N SER A 25 20.01 10.20 8.05
CA SER A 25 20.49 11.47 8.59
C SER A 25 19.73 12.67 8.04
N ARG A 26 19.09 12.50 6.88
CA ARG A 26 18.36 13.60 6.22
C ARG A 26 17.26 13.05 5.31
N GLY A 27 16.50 13.97 4.72
CA GLY A 27 15.51 13.65 3.69
C GLY A 27 14.47 12.62 4.06
N ILE A 28 14.16 11.72 3.14
CA ILE A 28 13.16 10.66 3.31
C ILE A 28 13.50 9.67 4.43
N GLY A 29 14.78 9.31 4.52
CA GLY A 29 15.26 8.38 5.54
C GLY A 29 15.06 8.93 6.94
N ARG A 30 15.23 10.25 7.08
CA ARG A 30 14.99 10.93 8.33
C ARG A 30 13.52 10.81 8.74
N ALA A 31 12.63 11.05 7.77
CA ALA A 31 11.20 11.00 8.01
C ALA A 31 10.76 9.57 8.36
N ILE A 32 11.31 8.60 7.65
CA ILE A 32 11.07 7.17 7.92
C ILE A 32 11.47 6.80 9.35
N ALA A 33 12.72 7.12 9.72
CA ALA A 33 13.22 6.86 11.06
C ALA A 33 12.38 7.55 12.12
N GLU A 34 12.05 8.83 11.94
CA GLU A 34 11.17 9.56 12.87
C GLU A 34 9.78 8.94 13.01
N LYS A 35 9.23 8.43 11.91
CA LYS A 35 7.89 7.81 11.94
C LYS A 35 7.93 6.39 12.55
N LEU A 36 8.98 5.63 12.26
CA LEU A 36 9.15 4.29 12.88
C LEU A 36 9.41 4.36 14.40
N GLY A 37 10.21 5.32 14.83
CA GLY A 37 10.46 5.58 16.25
C GLY A 37 9.19 5.90 17.02
N TYR A 38 8.37 6.77 16.44
CA TYR A 38 7.13 7.21 17.06
C TYR A 38 6.18 6.04 17.28
N ALA A 39 6.29 5.03 16.42
CA ALA A 39 5.43 3.85 16.48
C ALA A 39 5.96 2.78 17.41
N GLY A 40 7.15 2.99 17.99
CA GLY A 40 7.66 2.11 19.04
C GLY A 40 8.92 1.31 18.74
N ALA A 41 9.41 1.39 17.51
CA ALA A 41 10.63 0.68 17.15
C ALA A 41 11.89 1.34 17.68
N LEU A 42 12.80 0.52 18.17
CA LEU A 42 14.19 0.93 18.39
C LEU A 42 14.85 1.14 17.03
N VAL A 43 15.11 2.40 16.65
CA VAL A 43 15.64 2.70 15.33
C VAL A 43 17.16 2.92 15.34
N ALA A 44 17.85 2.21 14.47
CA ALA A 44 19.24 2.49 14.16
C ALA A 44 19.26 3.44 12.97
N VAL A 45 19.73 4.64 13.25
CA VAL A 45 19.78 5.74 12.29
C VAL A 45 21.14 5.68 11.61
N HIS A 46 21.17 5.25 10.35
CA HIS A 46 22.45 5.05 9.65
C HIS A 46 22.86 6.27 8.86
N TYR A 47 24.17 6.51 8.77
CA TYR A 47 24.70 7.62 7.97
C TYR A 47 26.08 7.30 7.39
N ALA A 48 26.53 8.14 6.46
CA ALA A 48 27.86 8.05 5.86
C ALA A 48 28.83 9.03 6.53
N THR A 49 28.53 10.32 6.40
CA THR A 49 29.39 11.37 6.99
C THR A 49 28.59 12.41 7.77
N GLY A 50 27.27 12.33 7.71
CA GLY A 50 26.40 13.25 8.44
C GLY A 50 26.19 12.84 9.89
N ALA A 51 27.27 12.91 10.68
CA ALA A 51 27.27 12.49 12.09
C ALA A 51 26.39 13.36 12.99
N ASP A 52 26.51 14.68 12.81
CA ASP A 52 25.71 15.66 13.58
C ASP A 52 24.24 15.56 13.22
N ALA A 53 23.96 15.40 11.92
CA ALA A 53 22.59 15.23 11.42
C ALA A 53 21.92 13.95 11.95
N ALA A 54 22.64 12.83 11.92
CA ALA A 54 22.13 11.56 12.46
C ALA A 54 21.77 11.67 13.94
N ALA A 55 22.61 12.37 14.70
CA ALA A 55 22.42 12.58 16.13
C ALA A 55 21.18 13.42 16.41
N GLU A 56 20.91 14.41 15.55
CA GLU A 56 19.67 15.19 15.64
C GLU A 56 18.44 14.30 15.50
N VAL A 57 18.50 13.35 14.58
CA VAL A 57 17.37 12.46 14.31
C VAL A 57 17.16 11.49 15.47
N ALA A 58 18.26 10.90 15.94
CA ALA A 58 18.25 10.03 17.10
C ALA A 58 17.72 10.74 18.36
N GLU A 59 18.16 11.99 18.59
CA GLU A 59 17.67 12.78 19.73
C GLU A 59 16.18 13.07 19.58
N SER A 60 15.77 13.42 18.37
CA SER A 60 14.39 13.77 18.06
C SER A 60 13.44 12.59 18.35
N ILE A 61 13.91 11.37 18.07
CA ILE A 61 13.17 10.17 18.37
C ILE A 61 13.03 9.97 19.89
N GLU A 62 14.16 10.06 20.62
CA GLU A 62 14.16 9.92 22.08
C GLU A 62 13.27 10.97 22.75
N LYS A 63 13.35 12.22 22.25
CA LYS A 63 12.51 13.32 22.75
C LYS A 63 11.02 12.99 22.80
N ASP A 64 10.50 12.41 21.71
CA ASP A 64 9.09 12.00 21.63
C ASP A 64 8.81 10.65 22.30
N GLY A 65 9.73 10.19 23.14
CA GLY A 65 9.49 9.02 23.99
C GLY A 65 9.94 7.68 23.43
N GLY A 66 10.67 7.72 22.31
CA GLY A 66 11.15 6.50 21.67
C GLY A 66 12.58 6.17 22.02
N ARG A 67 13.16 5.23 21.26
CA ARG A 67 14.53 4.76 21.44
C ARG A 67 15.25 4.74 20.10
N ALA A 68 16.48 5.24 20.06
CA ALA A 68 17.24 5.35 18.81
C ALA A 68 18.73 5.44 19.08
N PHE A 69 19.53 5.12 18.06
CA PHE A 69 20.99 5.34 18.11
C PHE A 69 21.53 5.47 16.69
N THR A 70 22.75 5.95 16.53
CA THR A 70 23.33 6.12 15.20
C THR A 70 24.38 5.06 14.85
N VAL A 71 24.46 4.72 13.57
CA VAL A 71 25.45 3.77 13.05
C VAL A 71 26.07 4.34 11.78
N LYS A 72 27.39 4.51 11.80
CA LYS A 72 28.16 5.02 10.67
C LYS A 72 28.60 3.90 9.73
N ALA A 73 28.34 4.07 8.44
CA ALA A 73 28.90 3.18 7.41
C ALA A 73 28.84 3.80 6.03
N GLU A 74 30.01 4.00 5.44
CA GLU A 74 30.10 4.40 4.04
C GLU A 74 29.89 3.14 3.19
N LEU A 75 28.81 3.12 2.41
CA LEU A 75 28.49 1.98 1.56
C LEU A 75 29.10 2.12 0.18
N GLY A 76 29.33 0.98 -0.47
CA GLY A 76 29.83 0.96 -1.85
C GLY A 76 31.34 0.80 -1.93
N VAL A 77 31.95 0.57 -0.78
CA VAL A 77 33.39 0.36 -0.67
C VAL A 77 33.55 -0.99 0.03
N PRO A 78 34.72 -1.67 -0.14
CA PRO A 78 34.85 -3.00 0.47
C PRO A 78 34.73 -2.99 2.00
N GLY A 79 34.14 -4.06 2.54
CA GLY A 79 33.93 -4.16 3.99
C GLY A 79 32.82 -3.29 4.57
N ASP A 80 32.03 -2.67 3.70
CA ASP A 80 30.95 -1.75 4.09
C ASP A 80 29.89 -2.40 4.98
N VAL A 81 29.40 -3.55 4.53
CA VAL A 81 28.36 -4.30 5.22
C VAL A 81 28.85 -4.82 6.56
N ASP A 82 30.13 -5.24 6.60
CA ASP A 82 30.79 -5.67 7.82
C ASP A 82 30.77 -4.59 8.90
N VAL A 83 31.10 -3.37 8.48
CA VAL A 83 31.15 -2.21 9.36
C VAL A 83 29.75 -1.90 9.88
N LEU A 84 28.79 -1.88 8.95
CA LEU A 84 27.39 -1.58 9.25
C LEU A 84 26.85 -2.54 10.30
N PHE A 85 26.97 -3.82 10.02
CA PHE A 85 26.43 -4.84 10.90
C PHE A 85 27.20 -5.05 12.20
N GLU A 86 28.49 -4.71 12.20
CA GLU A 86 29.25 -4.67 13.45
C GLU A 86 28.66 -3.63 14.39
N GLY A 87 28.48 -2.41 13.88
CA GLY A 87 27.89 -1.32 14.64
C GLY A 87 26.44 -1.59 15.03
N LEU A 88 25.66 -2.14 14.09
CA LEU A 88 24.24 -2.43 14.31
C LEU A 88 24.04 -3.51 15.39
N GLU A 89 24.62 -4.68 15.19
CA GLU A 89 24.39 -5.79 16.10
C GLU A 89 24.90 -5.49 17.52
N ARG A 90 26.05 -4.81 17.61
CA ARG A 90 26.59 -4.35 18.89
C ARG A 90 25.61 -3.43 19.63
N GLY A 91 25.11 -2.40 18.93
CA GLY A 91 24.14 -1.47 19.47
C GLY A 91 22.80 -2.09 19.88
N LEU A 92 22.27 -2.99 19.04
CA LEU A 92 21.02 -3.71 19.35
C LEU A 92 21.15 -4.65 20.55
N LYS A 93 22.30 -5.33 20.66
CA LYS A 93 22.53 -6.24 21.77
C LYS A 93 22.67 -5.48 23.09
N GLU A 94 23.39 -4.35 23.07
CA GLU A 94 23.58 -3.50 24.24
C GLU A 94 22.24 -2.96 24.77
N ARG A 95 21.30 -2.75 23.85
CA ARG A 95 20.02 -2.13 24.20
C ARG A 95 18.88 -3.10 24.49
N THR A 96 18.89 -4.25 23.83
CA THR A 96 17.78 -5.21 23.93
C THR A 96 18.20 -6.59 24.46
N GLY A 97 19.50 -6.89 24.39
CA GLY A 97 19.99 -8.21 24.80
C GLY A 97 20.00 -9.26 23.70
N ALA A 98 19.65 -8.85 22.48
CA ALA A 98 19.71 -9.74 21.30
C ALA A 98 20.17 -8.93 20.08
N THR A 99 20.58 -9.62 19.02
CA THR A 99 20.92 -8.96 17.77
C THR A 99 19.77 -8.99 16.76
N ASP A 100 18.56 -9.30 17.22
CA ASP A 100 17.39 -9.44 16.34
C ASP A 100 17.09 -8.14 15.59
N LEU A 101 16.93 -8.25 14.27
CA LEU A 101 16.54 -7.12 13.42
C LEU A 101 15.19 -7.42 12.76
N ASP A 102 14.14 -6.73 13.20
CA ASP A 102 12.81 -6.94 12.65
C ASP A 102 12.55 -6.20 11.32
N ILE A 103 13.05 -4.99 11.21
CA ILE A 103 12.71 -4.12 10.08
C ILE A 103 13.98 -3.58 9.43
N LEU A 104 14.07 -3.75 8.11
CA LEU A 104 15.16 -3.23 7.31
C LEU A 104 14.61 -2.33 6.20
N VAL A 105 15.02 -1.06 6.22
CA VAL A 105 14.67 -0.10 5.14
C VAL A 105 15.94 0.27 4.37
N ASN A 106 16.03 -0.15 3.11
CA ASN A 106 17.14 0.22 2.25
C ASN A 106 16.81 1.53 1.57
N ASN A 107 17.24 2.61 2.21
CA ASN A 107 16.88 3.95 1.78
C ASN A 107 18.07 4.72 1.24
N ALA A 108 19.27 4.49 1.77
CA ALA A 108 20.43 5.26 1.32
C ALA A 108 20.58 5.13 -0.19
N GLY A 109 20.92 6.25 -0.84
CA GLY A 109 21.04 6.29 -2.30
C GLY A 109 21.78 7.52 -2.78
N VAL A 110 22.34 7.44 -3.98
CA VAL A 110 22.92 8.61 -4.64
C VAL A 110 22.25 8.85 -5.99
N MET A 111 22.28 10.10 -6.44
CA MET A 111 21.82 10.47 -7.77
C MET A 111 22.89 11.33 -8.46
N ALA A 112 23.08 11.17 -9.75
CA ALA A 112 24.03 11.99 -10.51
C ALA A 112 23.55 12.27 -11.94
N MET A 113 22.68 13.27 -12.07
CA MET A 113 22.05 13.64 -13.35
C MET A 113 23.02 14.20 -14.39
N GLY A 114 22.80 13.87 -15.65
CA GLY A 114 23.70 14.27 -16.73
C GLY A 114 23.48 13.51 -18.03
N ALA A 115 23.92 14.10 -19.14
CA ALA A 115 23.80 13.49 -20.47
C ALA A 115 24.38 12.07 -20.45
N PRO A 116 23.71 11.11 -21.11
CA PRO A 116 24.23 9.72 -21.08
C PRO A 116 25.55 9.52 -21.83
N GLU A 117 25.82 10.35 -22.83
CA GLU A 117 27.10 10.32 -23.56
C GLU A 117 28.29 10.61 -22.63
N GLU A 118 28.02 11.17 -21.45
CA GLU A 118 29.09 11.64 -20.57
C GLU A 118 29.35 10.75 -19.35
N VAL A 119 28.50 9.75 -19.16
CA VAL A 119 28.68 8.75 -18.10
C VAL A 119 30.00 7.99 -18.24
N THR A 120 30.85 8.08 -17.22
CA THR A 120 32.10 7.31 -17.16
C THR A 120 31.84 5.97 -16.49
N PRO A 121 32.75 4.99 -16.69
CA PRO A 121 32.59 3.72 -15.98
C PRO A 121 32.61 3.86 -14.46
N GLU A 122 33.38 4.83 -13.95
CA GLU A 122 33.50 5.03 -12.50
C GLU A 122 32.20 5.57 -11.93
N MET A 123 31.51 6.41 -12.69
CA MET A 123 30.22 6.95 -12.28
C MET A 123 29.18 5.83 -12.21
N PHE A 124 29.25 4.94 -13.19
CA PHE A 124 28.38 3.78 -13.26
C PHE A 124 28.61 2.82 -12.07
N ASP A 125 29.89 2.55 -11.75
CA ASP A 125 30.25 1.68 -10.61
C ASP A 125 29.74 2.27 -9.29
N ARG A 126 29.95 3.58 -9.11
CA ARG A 126 29.48 4.29 -7.93
C ARG A 126 27.96 4.17 -7.77
N MET A 127 27.23 4.49 -8.83
CA MET A 127 25.78 4.39 -8.85
C MET A 127 25.31 2.97 -8.46
N MET A 128 25.84 1.96 -9.16
CA MET A 128 25.49 0.57 -8.90
C MET A 128 25.93 0.11 -7.51
N ALA A 129 27.14 0.47 -7.10
CA ALA A 129 27.68 0.08 -5.79
C ALA A 129 26.78 0.50 -4.61
N VAL A 130 26.32 1.75 -4.63
CA VAL A 130 25.51 2.30 -3.53
C VAL A 130 24.03 1.92 -3.63
N ASN A 131 23.46 1.96 -4.83
CA ASN A 131 22.00 1.76 -4.99
C ASN A 131 21.51 0.31 -5.15
N ALA A 132 22.37 -0.60 -5.59
CA ALA A 132 21.94 -2.00 -5.81
C ALA A 132 22.73 -3.06 -5.07
N LYS A 133 24.06 -2.97 -5.15
CA LYS A 133 24.95 -3.94 -4.55
C LYS A 133 24.85 -3.91 -3.02
N ALA A 134 25.03 -2.73 -2.44
CA ALA A 134 24.97 -2.61 -1.00
C ALA A 134 23.60 -3.08 -0.47
N PRO A 135 22.49 -2.60 -1.07
CA PRO A 135 21.23 -3.16 -0.58
C PRO A 135 21.13 -4.69 -0.64
N PHE A 136 21.70 -5.32 -1.66
CA PHE A 136 21.66 -6.78 -1.78
C PHE A 136 22.46 -7.45 -0.64
N PHE A 137 23.70 -6.99 -0.42
CA PHE A 137 24.52 -7.55 0.65
C PHE A 137 24.00 -7.19 2.05
N ILE A 138 23.31 -6.05 2.17
CA ILE A 138 22.62 -5.71 3.44
C ILE A 138 21.46 -6.64 3.74
N VAL A 139 20.62 -6.91 2.73
CA VAL A 139 19.56 -7.93 2.85
C VAL A 139 20.18 -9.29 3.22
N GLN A 140 21.25 -9.71 2.53
CA GLN A 140 21.88 -11.02 2.74
C GLN A 140 22.35 -11.23 4.18
N ARG A 141 23.03 -10.23 4.71
CA ARG A 141 23.51 -10.23 6.09
C ARG A 141 22.34 -10.14 7.10
N ALA A 142 21.29 -9.41 6.76
CA ALA A 142 20.13 -9.27 7.64
C ALA A 142 19.38 -10.58 7.83
N LEU A 143 19.42 -11.45 6.82
CA LEU A 143 18.78 -12.78 6.92
C LEU A 143 19.22 -13.61 8.13
N SER A 144 20.47 -13.47 8.56
CA SER A 144 20.94 -14.24 9.71
C SER A 144 20.40 -13.73 11.06
N VAL A 145 19.97 -12.48 11.12
CA VAL A 145 19.45 -11.91 12.38
C VAL A 145 17.96 -11.51 12.37
N MET A 146 17.26 -11.76 11.26
CA MET A 146 15.85 -11.34 11.13
C MET A 146 14.85 -12.42 11.53
N PRO A 147 14.10 -12.20 12.61
CA PRO A 147 13.07 -13.15 13.09
C PRO A 147 11.88 -13.30 12.14
N ASP A 148 11.12 -14.39 12.30
CA ASP A 148 9.87 -14.56 11.56
C ASP A 148 8.98 -13.33 11.70
N GLY A 149 8.21 -13.03 10.67
CA GLY A 149 7.35 -11.85 10.70
C GLY A 149 8.09 -10.56 10.39
N GLY A 150 9.35 -10.67 9.95
CA GLY A 150 10.20 -9.52 9.63
C GLY A 150 9.75 -8.72 8.41
N ARG A 151 10.45 -7.64 8.11
CA ARG A 151 10.06 -6.69 7.05
C ARG A 151 11.29 -6.17 6.32
N ILE A 152 11.27 -6.24 5.00
CA ILE A 152 12.31 -5.61 4.19
C ILE A 152 11.64 -4.68 3.18
N ILE A 153 12.07 -3.42 3.20
CA ILE A 153 11.48 -2.39 2.35
C ILE A 153 12.59 -1.65 1.62
N ASN A 154 12.51 -1.67 0.30
CA ASN A 154 13.51 -1.06 -0.54
C ASN A 154 12.95 0.19 -1.23
N VAL A 155 13.58 1.32 -0.96
CA VAL A 155 13.14 2.58 -1.55
C VAL A 155 13.66 2.69 -2.98
N SER A 156 12.74 2.64 -3.93
CA SER A 156 13.06 2.75 -5.35
C SER A 156 12.83 4.19 -5.86
N SER A 157 12.21 4.30 -7.03
CA SER A 157 11.90 5.60 -7.64
C SER A 157 10.94 5.43 -8.82
N GLY A 158 10.03 6.38 -8.99
CA GLY A 158 9.18 6.42 -10.20
C GLY A 158 9.96 6.40 -11.51
N LEU A 159 11.24 6.80 -11.45
CA LEU A 159 12.10 6.79 -12.64
C LEU A 159 12.38 5.42 -13.24
N THR A 160 11.95 4.34 -12.56
CA THR A 160 12.03 3.03 -13.18
C THR A 160 10.85 2.77 -14.15
N ARG A 161 9.94 3.75 -14.22
CA ARG A 161 8.72 3.65 -15.04
C ARG A 161 8.52 4.91 -15.93
N VAL A 162 9.27 5.97 -15.67
CA VAL A 162 9.23 7.20 -16.48
C VAL A 162 10.61 7.44 -17.14
N ALA A 163 10.64 7.42 -18.46
CA ALA A 163 11.88 7.58 -19.22
C ALA A 163 12.48 8.97 -19.04
N SER A 164 13.75 9.04 -18.63
CA SER A 164 14.52 10.29 -18.55
C SER A 164 15.98 10.00 -18.88
N PRO A 165 16.43 10.37 -20.10
CA PRO A 165 17.80 10.15 -20.56
C PRO A 165 18.86 10.57 -19.53
N ASP A 166 18.62 11.70 -18.86
CA ASP A 166 19.57 12.26 -17.87
C ASP A 166 19.73 11.41 -16.62
N GLN A 167 18.86 10.42 -16.46
CA GLN A 167 18.80 9.61 -15.24
C GLN A 167 18.98 8.12 -15.51
N VAL A 168 19.49 7.77 -16.70
CA VAL A 168 19.52 6.36 -17.12
C VAL A 168 20.29 5.41 -16.17
N THR A 169 21.48 5.78 -15.72
CA THR A 169 22.24 4.93 -14.79
C THR A 169 21.58 4.87 -13.41
N TYR A 170 20.99 5.97 -12.98
CA TYR A 170 20.15 5.95 -11.78
C TYR A 170 19.00 4.94 -11.96
N GLY A 171 18.27 5.07 -13.08
CA GLY A 171 17.21 4.12 -13.45
C GLY A 171 17.67 2.67 -13.42
N MET A 172 18.78 2.37 -14.11
CA MET A 172 19.34 1.02 -14.11
C MET A 172 19.56 0.46 -12.68
N SER A 173 20.16 1.26 -11.80
CA SER A 173 20.44 0.84 -10.43
C SER A 173 19.16 0.52 -9.67
N LYS A 174 18.14 1.34 -9.87
CA LYS A 174 16.86 1.14 -9.18
C LYS A 174 16.08 -0.03 -9.76
N GLY A 175 16.28 -0.32 -11.04
CA GLY A 175 15.67 -1.49 -11.64
C GLY A 175 16.27 -2.78 -11.07
N ALA A 176 17.59 -2.77 -10.82
CA ALA A 176 18.26 -3.87 -10.10
C ALA A 176 17.73 -4.00 -8.67
N LEU A 177 17.58 -2.87 -8.00
CA LEU A 177 17.03 -2.83 -6.63
C LEU A 177 15.64 -3.49 -6.58
N GLU A 178 14.77 -3.12 -7.50
CA GLU A 178 13.42 -3.68 -7.52
C GLU A 178 13.37 -5.22 -7.64
N GLN A 179 14.37 -5.82 -8.27
CA GLN A 179 14.45 -7.28 -8.35
C GLN A 179 14.65 -7.96 -6.99
N ILE A 180 15.15 -7.22 -6.00
CA ILE A 180 15.30 -7.82 -4.68
C ILE A 180 13.94 -8.28 -4.12
N ALA A 181 12.95 -7.40 -4.16
CA ALA A 181 11.61 -7.73 -3.69
C ALA A 181 11.04 -8.95 -4.41
N LEU A 182 11.14 -8.99 -5.74
CA LEU A 182 10.57 -10.09 -6.49
C LEU A 182 11.10 -11.46 -6.00
N HIS A 183 12.43 -11.61 -5.95
CA HIS A 183 13.04 -12.91 -5.72
C HIS A 183 13.13 -13.32 -4.27
N PHE A 184 13.46 -12.39 -3.38
CA PHE A 184 13.50 -12.68 -1.93
C PHE A 184 12.11 -12.90 -1.29
N SER A 185 11.06 -12.34 -1.89
CA SER A 185 9.72 -12.61 -1.37
C SER A 185 9.43 -14.12 -1.40
N ARG A 186 9.73 -14.78 -2.53
CA ARG A 186 9.60 -16.23 -2.67
C ARG A 186 10.52 -17.00 -1.73
N HIS A 187 11.77 -16.59 -1.62
CA HIS A 187 12.74 -17.18 -0.70
C HIS A 187 12.26 -17.12 0.74
N LEU A 188 11.73 -15.98 1.16
CA LEU A 188 11.43 -15.75 2.58
C LEU A 188 9.97 -15.98 2.96
N GLY A 189 9.21 -16.62 2.08
CA GLY A 189 7.78 -16.85 2.30
C GLY A 189 7.46 -17.65 3.55
N SER A 190 8.20 -18.74 3.76
CA SER A 190 7.94 -19.64 4.91
C SER A 190 8.44 -19.09 6.26
N ARG A 191 9.16 -17.96 6.21
CA ARG A 191 9.52 -17.23 7.43
C ARG A 191 8.58 -16.05 7.68
N ARG A 192 7.59 -15.90 6.80
CA ARG A 192 6.65 -14.79 6.85
C ARG A 192 7.33 -13.42 6.91
N ILE A 193 8.48 -13.29 6.26
CA ILE A 193 9.16 -12.00 6.12
C ILE A 193 8.72 -11.43 4.78
N THR A 194 8.15 -10.23 4.78
CA THR A 194 7.70 -9.60 3.52
C THR A 194 8.80 -8.75 2.92
N VAL A 195 8.87 -8.73 1.59
CA VAL A 195 9.90 -7.97 0.89
C VAL A 195 9.19 -7.15 -0.18
N ASN A 196 9.32 -5.82 -0.10
CA ASN A 196 8.60 -4.92 -1.03
C ASN A 196 9.40 -3.70 -1.49
N SER A 197 9.06 -3.18 -2.66
CA SER A 197 9.65 -1.94 -3.21
C SER A 197 8.68 -0.79 -3.04
N VAL A 198 9.20 0.37 -2.63
CA VAL A 198 8.42 1.59 -2.61
C VAL A 198 9.03 2.64 -3.53
N ALA A 199 8.20 3.24 -4.37
CA ALA A 199 8.62 4.23 -5.35
C ALA A 199 8.01 5.60 -5.06
N PRO A 200 8.78 6.49 -4.42
CA PRO A 200 8.31 7.86 -4.29
C PRO A 200 8.36 8.59 -5.62
N GLY A 201 7.60 9.66 -5.73
CA GLY A 201 7.80 10.61 -6.80
C GLY A 201 8.76 11.66 -6.27
N SER A 202 8.80 12.80 -6.95
N SER A 202 8.80 12.80 -6.96
CA SER A 202 9.60 13.94 -6.52
CA SER A 202 9.57 13.95 -6.51
C SER A 202 9.23 14.33 -5.09
C SER A 202 9.22 14.31 -5.08
N THR A 203 10.23 14.35 -4.22
CA THR A 203 10.05 14.57 -2.80
C THR A 203 11.06 15.59 -2.29
N ASP A 204 10.57 16.62 -1.59
CA ASP A 204 11.47 17.62 -0.99
C ASP A 204 12.35 16.99 0.08
N ASN A 205 13.63 16.82 -0.20
CA ASN A 205 14.54 16.19 0.76
C ASN A 205 15.28 17.18 1.66
N GLY A 206 14.87 18.45 1.61
CA GLY A 206 15.51 19.48 2.38
C GLY A 206 16.66 20.18 1.66
N SER A 207 17.13 19.59 0.55
CA SER A 207 18.26 20.17 -0.19
C SER A 207 17.89 21.47 -0.88
N ALA A 208 18.89 22.32 -1.12
CA ALA A 208 18.68 23.64 -1.74
C ALA A 208 18.11 23.56 -3.16
N LEU A 209 18.24 22.39 -3.80
CA LEU A 209 17.64 22.12 -5.11
C LEU A 209 16.13 22.42 -5.17
N PHE A 210 15.38 21.94 -4.16
CA PHE A 210 13.91 22.06 -4.13
C PHE A 210 13.39 23.44 -3.73
N GLN A 211 14.31 24.39 -3.54
CA GLN A 211 13.95 25.76 -3.21
C GLN A 211 14.02 26.70 -4.42
N ILE A 212 14.79 26.32 -5.44
CA ILE A 212 14.85 27.03 -6.72
C ILE A 212 13.48 26.98 -7.41
N PRO A 213 12.75 28.12 -7.44
CA PRO A 213 11.34 28.18 -7.85
C PRO A 213 11.03 27.50 -9.19
N GLU A 214 11.93 27.61 -10.15
CA GLU A 214 11.72 27.07 -11.48
C GLU A 214 11.93 25.54 -11.54
N VAL A 215 12.82 25.04 -10.67
CA VAL A 215 13.00 23.59 -10.52
C VAL A 215 11.80 22.99 -9.77
N ARG A 216 11.35 23.69 -8.73
CA ARG A 216 10.19 23.28 -7.94
C ARG A 216 8.91 23.22 -8.78
N GLU A 217 8.74 24.17 -9.68
CA GLU A 217 7.55 24.22 -10.54
C GLU A 217 7.51 23.05 -11.52
N THR A 218 8.66 22.76 -12.13
CA THR A 218 8.76 21.67 -13.10
C THR A 218 8.48 20.33 -12.40
N LEU A 219 9.09 20.14 -11.23
CA LEU A 219 8.90 18.93 -10.43
C LEU A 219 7.50 18.79 -9.87
N SER A 220 6.87 19.91 -9.52
N SER A 220 6.87 19.91 -9.53
CA SER A 220 5.50 19.93 -9.03
CA SER A 220 5.50 19.90 -9.02
C SER A 220 4.53 19.40 -10.07
C SER A 220 4.50 19.44 -10.08
N GLN A 221 4.81 19.67 -11.34
CA GLN A 221 3.92 19.27 -12.43
C GLN A 221 3.89 17.75 -12.70
N LEU A 222 4.90 17.02 -12.24
CA LEU A 222 4.97 15.56 -12.44
C LEU A 222 3.84 14.78 -11.74
N SER A 223 3.50 15.21 -10.53
CA SER A 223 2.40 14.61 -9.78
C SER A 223 1.06 15.14 -10.28
N THR A 224 0.03 14.28 -10.21
CA THR A 224 -1.34 14.63 -10.59
C THR A 224 -1.92 15.65 -9.60
N PHE A 225 -1.25 15.81 -8.47
CA PHE A 225 -1.66 16.74 -7.42
C PHE A 225 -1.06 18.14 -7.63
N GLY A 226 -0.07 18.26 -8.50
CA GLY A 226 0.60 19.54 -8.77
C GLY A 226 1.53 19.98 -7.65
N GLU A 227 1.97 19.03 -6.83
CA GLU A 227 2.90 19.33 -5.74
C GLU A 227 4.02 18.30 -5.68
N VAL A 228 5.19 18.72 -5.18
CA VAL A 228 6.21 17.77 -4.73
C VAL A 228 5.80 17.19 -3.37
N ALA A 229 6.19 15.96 -3.08
CA ALA A 229 5.84 15.33 -1.81
C ALA A 229 6.64 15.89 -0.64
N GLU A 230 5.99 15.95 0.53
CA GLU A 230 6.73 16.08 1.78
C GLU A 230 7.23 14.70 2.17
N PRO A 231 8.44 14.62 2.79
CA PRO A 231 9.02 13.35 3.24
C PRO A 231 8.07 12.48 4.06
N ALA A 232 7.26 13.13 4.91
CA ALA A 232 6.30 12.43 5.78
C ALA A 232 5.31 11.57 4.97
N ALA A 233 4.93 12.05 3.79
CA ALA A 233 4.00 11.33 2.92
C ALA A 233 4.57 9.99 2.49
N ILE A 234 5.89 9.95 2.27
CA ILE A 234 6.58 8.70 1.94
C ILE A 234 6.77 7.84 3.18
N ALA A 235 7.20 8.46 4.28
CA ALA A 235 7.40 7.75 5.54
C ALA A 235 6.15 7.02 6.01
N ASP A 236 5.01 7.69 5.87
CA ASP A 236 3.71 7.09 6.21
C ASP A 236 3.42 5.81 5.44
N VAL A 237 3.86 5.75 4.18
CA VAL A 237 3.71 4.54 3.38
C VAL A 237 4.63 3.44 3.90
N VAL A 238 5.92 3.75 4.08
CA VAL A 238 6.88 2.80 4.66
C VAL A 238 6.45 2.30 6.05
N ALA A 239 5.97 3.20 6.89
CA ALA A 239 5.48 2.82 8.22
C ALA A 239 4.38 1.77 8.14
N PHE A 240 3.47 1.92 7.19
CA PHE A 240 2.42 0.93 6.99
C PHE A 240 2.97 -0.42 6.53
N LEU A 241 3.88 -0.41 5.57
CA LEU A 241 4.47 -1.67 5.13
C LEU A 241 5.22 -2.41 6.23
N ALA A 242 5.80 -1.65 7.16
CA ALA A 242 6.55 -2.25 8.26
C ALA A 242 5.63 -2.90 9.28
N SER A 243 4.33 -2.59 9.19
CA SER A 243 3.38 -3.00 10.22
C SER A 243 2.70 -4.32 9.94
N GLU A 244 2.00 -4.78 10.97
CA GLU A 244 1.13 -5.94 10.92
C GLU A 244 0.03 -5.77 9.86
N ASP A 245 -0.37 -4.53 9.59
CA ASP A 245 -1.46 -4.26 8.64
C ASP A 245 -1.12 -4.64 7.19
N ALA A 246 0.19 -4.72 6.89
CA ALA A 246 0.65 -5.09 5.55
C ALA A 246 1.24 -6.52 5.47
N ARG A 247 0.82 -7.40 6.39
CA ARG A 247 1.24 -8.81 6.34
C ARG A 247 0.92 -9.55 5.03
N TRP A 248 -0.14 -9.18 4.32
CA TRP A 248 -0.45 -9.85 3.05
C TRP A 248 0.05 -9.17 1.79
N ILE A 249 1.07 -8.32 1.92
CA ILE A 249 1.70 -7.60 0.80
C ILE A 249 3.17 -7.99 0.74
N THR A 250 3.54 -8.74 -0.30
CA THR A 250 4.94 -9.19 -0.45
C THR A 250 5.28 -9.31 -1.95
N GLY A 251 6.50 -8.90 -2.30
CA GLY A 251 6.97 -8.99 -3.67
C GLY A 251 6.32 -7.91 -4.52
N ALA A 252 5.85 -6.85 -3.86
CA ALA A 252 5.03 -5.85 -4.54
C ALA A 252 5.83 -4.57 -4.83
N PHE A 253 5.39 -3.89 -5.88
CA PHE A 253 5.82 -2.52 -6.25
C PHE A 253 4.74 -1.60 -5.71
N ILE A 254 5.10 -0.77 -4.73
CA ILE A 254 4.14 0.17 -4.16
C ILE A 254 4.41 1.59 -4.68
N ASP A 255 3.44 2.11 -5.43
CA ASP A 255 3.50 3.43 -6.03
C ASP A 255 3.08 4.50 -5.01
N ALA A 256 4.07 5.22 -4.49
CA ALA A 256 3.84 6.32 -3.57
C ALA A 256 4.28 7.64 -4.23
N SER A 257 3.90 7.82 -5.49
CA SER A 257 4.39 8.92 -6.31
C SER A 257 3.38 10.05 -6.47
N GLY A 258 2.21 9.89 -5.85
CA GLY A 258 1.14 10.88 -5.98
C GLY A 258 0.69 11.07 -7.41
N GLY A 259 0.55 9.96 -8.14
CA GLY A 259 0.04 9.99 -9.52
C GLY A 259 1.02 10.45 -10.58
N THR A 260 2.30 10.18 -10.36
CA THR A 260 3.33 10.53 -11.34
C THR A 260 3.41 9.52 -12.49
N LEU A 261 2.99 8.29 -12.21
CA LEU A 261 3.11 7.16 -13.14
C LEU A 261 1.81 6.92 -13.94
N LEU A 262 1.07 7.98 -14.23
CA LEU A 262 -0.20 7.90 -14.96
C LEU A 262 -0.08 7.99 -16.51
N GLY A 263 1.16 8.14 -16.99
N GLY A 263 1.16 8.15 -16.99
CA GLY A 263 1.44 8.20 -18.41
CA GLY A 263 1.43 8.11 -18.43
C GLY A 263 1.16 9.57 -18.99
C GLY A 263 1.45 9.46 -19.10
N HIS B 8 -21.86 4.32 23.87
CA HIS B 8 -20.42 4.73 23.94
C HIS B 8 -19.81 4.84 22.57
N HIS B 9 -18.96 5.85 22.37
CA HIS B 9 -18.31 6.03 21.08
C HIS B 9 -16.80 5.96 21.15
N ARG B 10 -16.22 5.17 20.25
CA ARG B 10 -14.76 5.01 20.13
C ARG B 10 -14.26 5.94 19.01
N SER B 11 -13.07 6.50 19.22
CA SER B 11 -12.48 7.42 18.24
C SER B 11 -11.19 6.89 17.63
N GLY B 12 -10.95 7.23 16.37
CA GLY B 12 -9.73 6.84 15.65
C GLY B 12 -9.44 7.79 14.51
N ASN B 13 -8.57 7.39 13.60
CA ASN B 13 -8.14 8.24 12.47
C ASN B 13 -9.24 8.63 11.48
N LEU B 14 -10.35 7.90 11.44
CA LEU B 14 -11.45 8.18 10.50
C LEU B 14 -12.66 8.84 11.17
N THR B 15 -12.52 9.20 12.44
CA THR B 15 -13.63 9.85 13.14
C THR B 15 -14.01 11.13 12.40
N GLY B 16 -15.31 11.29 12.16
CA GLY B 16 -15.83 12.39 11.36
C GLY B 16 -16.09 12.05 9.90
N LYS B 17 -15.53 10.94 9.40
CA LYS B 17 -15.71 10.53 7.99
C LYS B 17 -16.88 9.57 7.80
N THR B 18 -17.42 9.53 6.59
CA THR B 18 -18.46 8.57 6.21
C THR B 18 -17.99 7.63 5.09
N ALA B 19 -18.44 6.38 5.14
CA ALA B 19 -17.99 5.37 4.19
C ALA B 19 -19.13 4.50 3.65
N LEU B 20 -19.03 4.14 2.38
CA LEU B 20 -19.88 3.11 1.80
C LEU B 20 -19.04 1.91 1.40
N VAL B 21 -19.39 0.75 1.94
CA VAL B 21 -18.76 -0.49 1.53
C VAL B 21 -19.84 -1.34 0.84
N THR B 22 -19.69 -1.60 -0.46
CA THR B 22 -20.67 -2.43 -1.17
C THR B 22 -20.43 -3.91 -0.80
N GLY B 23 -21.50 -4.68 -0.77
CA GLY B 23 -21.43 -6.08 -0.34
C GLY B 23 -20.64 -6.24 0.94
N ALA B 24 -21.14 -5.62 2.02
CA ALA B 24 -20.43 -5.62 3.30
C ALA B 24 -21.07 -6.59 4.32
N SER B 25 -21.96 -7.45 3.83
CA SER B 25 -22.71 -8.39 4.68
C SER B 25 -21.92 -9.65 5.04
N ARG B 26 -20.87 -9.96 4.26
CA ARG B 26 -20.06 -11.17 4.49
C ARG B 26 -18.65 -11.01 3.89
N GLY B 27 -17.80 -12.01 4.11
CA GLY B 27 -16.46 -12.05 3.52
C GLY B 27 -15.61 -10.79 3.68
N ILE B 28 -14.96 -10.39 2.59
CA ILE B 28 -14.04 -9.26 2.58
C ILE B 28 -14.72 -7.92 2.91
N GLY B 29 -15.90 -7.69 2.32
CA GLY B 29 -16.64 -6.46 2.55
C GLY B 29 -17.01 -6.28 4.02
N ARG B 30 -17.41 -7.37 4.67
CA ARG B 30 -17.69 -7.36 6.10
C ARG B 30 -16.47 -6.91 6.91
N ALA B 31 -15.31 -7.51 6.59
CA ALA B 31 -14.10 -7.19 7.32
C ALA B 31 -13.68 -5.74 7.07
N ILE B 32 -13.83 -5.28 5.83
CA ILE B 32 -13.60 -3.87 5.49
C ILE B 32 -14.46 -2.93 6.35
N ALA B 33 -15.77 -3.16 6.36
CA ALA B 33 -16.71 -2.38 7.14
C ALA B 33 -16.35 -2.31 8.64
N GLU B 34 -16.07 -3.47 9.22
CA GLU B 34 -15.68 -3.58 10.63
C GLU B 34 -14.43 -2.75 10.91
N LYS B 35 -13.43 -2.90 10.03
CA LYS B 35 -12.17 -2.19 10.21
C LYS B 35 -12.34 -0.65 10.09
N LEU B 36 -13.11 -0.21 9.09
CA LEU B 36 -13.42 1.23 8.90
C LEU B 36 -14.30 1.80 10.03
N GLY B 37 -15.26 1.01 10.49
CA GLY B 37 -16.09 1.39 11.64
C GLY B 37 -15.26 1.49 12.90
N TYR B 38 -14.43 0.48 13.14
CA TYR B 38 -13.49 0.50 14.26
C TYR B 38 -12.64 1.78 14.29
N ALA B 39 -12.21 2.23 13.10
CA ALA B 39 -11.41 3.46 12.96
C ALA B 39 -12.21 4.75 13.13
N GLY B 40 -13.52 4.64 13.33
CA GLY B 40 -14.39 5.79 13.57
C GLY B 40 -15.27 6.28 12.43
N ALA B 41 -15.14 5.71 11.23
CA ALA B 41 -15.98 6.13 10.11
C ALA B 41 -17.41 5.67 10.35
N LEU B 42 -18.38 6.47 9.95
CA LEU B 42 -19.77 6.02 9.93
C LEU B 42 -19.98 5.19 8.65
N VAL B 43 -20.26 3.89 8.84
CA VAL B 43 -20.21 2.93 7.74
C VAL B 43 -21.62 2.55 7.28
N ALA B 44 -21.89 2.77 6.01
CA ALA B 44 -23.09 2.28 5.34
C ALA B 44 -22.79 0.88 4.83
N VAL B 45 -23.43 -0.10 5.45
CA VAL B 45 -23.18 -1.53 5.19
C VAL B 45 -24.13 -2.04 4.10
N HIS B 46 -23.62 -2.14 2.88
CA HIS B 46 -24.51 -2.47 1.75
C HIS B 46 -24.66 -3.96 1.50
N TYR B 47 -25.84 -4.38 1.01
CA TYR B 47 -26.13 -5.79 0.71
C TYR B 47 -27.17 -5.88 -0.42
N ALA B 48 -27.35 -7.07 -0.98
CA ALA B 48 -28.41 -7.33 -1.96
C ALA B 48 -29.60 -8.06 -1.33
N THR B 49 -29.39 -9.28 -0.84
CA THR B 49 -30.46 -10.05 -0.18
C THR B 49 -30.12 -10.50 1.24
N GLY B 50 -28.84 -10.46 1.61
CA GLY B 50 -28.43 -10.87 2.95
C GLY B 50 -28.60 -9.79 4.00
N ALA B 51 -29.84 -9.39 4.27
CA ALA B 51 -30.16 -8.36 5.27
C ALA B 51 -29.85 -8.78 6.70
N ASP B 52 -30.03 -10.06 7.01
CA ASP B 52 -29.73 -10.51 8.38
C ASP B 52 -28.22 -10.45 8.67
N ALA B 53 -27.43 -10.82 7.67
CA ALA B 53 -25.96 -10.76 7.77
C ALA B 53 -25.48 -9.30 7.89
N ALA B 54 -25.99 -8.44 7.02
CA ALA B 54 -25.72 -7.00 7.08
C ALA B 54 -26.04 -6.39 8.47
N ALA B 55 -27.25 -6.65 8.99
CA ALA B 55 -27.65 -6.14 10.32
C ALA B 55 -26.66 -6.56 11.41
N GLU B 56 -26.21 -7.80 11.33
CA GLU B 56 -25.26 -8.35 12.27
C GLU B 56 -23.88 -7.64 12.16
N VAL B 57 -23.47 -7.28 10.94
CA VAL B 57 -22.25 -6.48 10.76
C VAL B 57 -22.40 -5.06 11.34
N ALA B 58 -23.51 -4.40 10.98
CA ALA B 58 -23.83 -3.05 11.48
C ALA B 58 -23.95 -3.01 13.00
N GLU B 59 -24.54 -4.06 13.59
CA GLU B 59 -24.67 -4.17 15.05
C GLU B 59 -23.31 -4.39 15.71
N SER B 60 -22.49 -5.24 15.09
CA SER B 60 -21.14 -5.54 15.56
C SER B 60 -20.27 -4.28 15.67
N ILE B 61 -20.40 -3.39 14.68
CA ILE B 61 -19.71 -2.10 14.68
C ILE B 61 -20.24 -1.18 15.79
N GLU B 62 -21.57 -1.06 15.86
CA GLU B 62 -22.24 -0.27 16.89
C GLU B 62 -21.92 -0.75 18.31
N LYS B 63 -21.84 -2.07 18.52
CA LYS B 63 -21.51 -2.63 19.83
C LYS B 63 -20.06 -2.33 20.24
N ASP B 64 -19.15 -2.34 19.26
CA ASP B 64 -17.75 -2.00 19.49
C ASP B 64 -17.52 -0.48 19.56
N GLY B 65 -18.60 0.29 19.64
CA GLY B 65 -18.52 1.74 19.87
C GLY B 65 -18.45 2.61 18.62
N GLY B 66 -18.74 2.02 17.47
CA GLY B 66 -18.75 2.75 16.22
C GLY B 66 -20.16 3.14 15.80
N ARG B 67 -20.30 3.49 14.53
CA ARG B 67 -21.58 3.86 13.96
C ARG B 67 -21.75 3.24 12.58
N ALA B 68 -22.93 2.68 12.33
CA ALA B 68 -23.20 1.96 11.08
C ALA B 68 -24.70 1.79 10.85
N PHE B 69 -25.08 1.63 9.59
CA PHE B 69 -26.45 1.29 9.18
C PHE B 69 -26.39 0.52 7.86
N THR B 70 -27.48 -0.17 7.53
CA THR B 70 -27.51 -1.02 6.35
C THR B 70 -28.28 -0.38 5.20
N VAL B 71 -27.86 -0.68 3.98
CA VAL B 71 -28.56 -0.22 2.79
C VAL B 71 -28.71 -1.37 1.81
N LYS B 72 -29.94 -1.57 1.35
CA LYS B 72 -30.28 -2.63 0.41
C LYS B 72 -30.21 -2.10 -1.01
N ALA B 73 -29.46 -2.78 -1.87
CA ALA B 73 -29.53 -2.49 -3.30
C ALA B 73 -29.01 -3.64 -4.14
N GLU B 74 -29.89 -4.18 -5.00
CA GLU B 74 -29.47 -5.12 -6.03
C GLU B 74 -28.73 -4.36 -7.14
N LEU B 75 -27.47 -4.70 -7.35
CA LEU B 75 -26.67 -4.06 -8.41
C LEU B 75 -26.73 -4.89 -9.68
N GLY B 76 -26.52 -4.24 -10.82
CA GLY B 76 -26.54 -4.93 -12.10
C GLY B 76 -27.90 -5.00 -12.77
N VAL B 77 -28.89 -4.31 -12.20
CA VAL B 77 -30.22 -4.18 -12.82
C VAL B 77 -30.58 -2.69 -13.02
N PRO B 78 -31.53 -2.37 -13.92
CA PRO B 78 -31.88 -0.94 -14.11
C PRO B 78 -32.30 -0.25 -12.81
N GLY B 79 -31.85 0.98 -12.61
CA GLY B 79 -32.19 1.74 -11.40
C GLY B 79 -31.40 1.44 -10.13
N ASP B 80 -30.43 0.52 -10.23
CA ASP B 80 -29.60 0.09 -9.10
C ASP B 80 -28.93 1.23 -8.32
N VAL B 81 -28.25 2.11 -9.06
CA VAL B 81 -27.52 3.22 -8.45
C VAL B 81 -28.48 4.20 -7.75
N ASP B 82 -29.64 4.43 -8.38
CA ASP B 82 -30.71 5.27 -7.81
C ASP B 82 -31.16 4.78 -6.45
N VAL B 83 -31.39 3.48 -6.37
CA VAL B 83 -31.82 2.80 -5.15
C VAL B 83 -30.74 2.84 -4.07
N LEU B 84 -29.51 2.51 -4.46
CA LEU B 84 -28.37 2.58 -3.57
C LEU B 84 -28.23 3.97 -2.94
N PHE B 85 -28.26 5.02 -3.76
CA PHE B 85 -28.04 6.38 -3.24
C PHE B 85 -29.20 7.00 -2.46
N GLU B 86 -30.43 6.64 -2.82
CA GLU B 86 -31.60 7.01 -2.02
C GLU B 86 -31.46 6.54 -0.56
N GLY B 87 -31.11 5.26 -0.39
CA GLY B 87 -30.90 4.70 0.94
C GLY B 87 -29.67 5.23 1.65
N LEU B 88 -28.57 5.35 0.92
CA LEU B 88 -27.34 5.96 1.46
C LEU B 88 -27.56 7.38 1.96
N GLU B 89 -28.03 8.26 1.07
CA GLU B 89 -28.19 9.68 1.39
C GLU B 89 -29.15 9.91 2.55
N ARG B 90 -30.26 9.18 2.55
CA ARG B 90 -31.25 9.20 3.63
C ARG B 90 -30.60 8.90 4.99
N GLY B 91 -29.88 7.77 5.07
CA GLY B 91 -29.18 7.36 6.28
C GLY B 91 -28.12 8.34 6.74
N LEU B 92 -27.35 8.87 5.79
CA LEU B 92 -26.32 9.89 6.10
C LEU B 92 -26.95 11.20 6.58
N LYS B 93 -27.97 11.66 5.86
CA LYS B 93 -28.65 12.92 6.20
C LYS B 93 -29.28 12.82 7.60
N GLU B 94 -29.90 11.68 7.88
CA GLU B 94 -30.48 11.39 9.19
C GLU B 94 -29.47 11.45 10.32
N ARG B 95 -28.27 10.95 10.07
CA ARG B 95 -27.27 10.79 11.12
C ARG B 95 -26.27 11.94 11.22
N THR B 96 -26.03 12.63 10.11
CA THR B 96 -25.00 13.67 10.07
C THR B 96 -25.56 15.04 9.70
N GLY B 97 -26.79 15.05 9.19
CA GLY B 97 -27.38 16.27 8.65
C GLY B 97 -26.84 16.69 7.28
N ALA B 98 -26.05 15.82 6.65
CA ALA B 98 -25.52 16.10 5.31
C ALA B 98 -25.38 14.81 4.50
N THR B 99 -25.29 14.94 3.18
CA THR B 99 -25.20 13.78 2.28
C THR B 99 -23.76 13.43 1.88
N ASP B 100 -22.78 14.07 2.51
CA ASP B 100 -21.36 13.89 2.15
C ASP B 100 -20.87 12.47 2.31
N LEU B 101 -20.15 11.98 1.30
CA LEU B 101 -19.54 10.66 1.33
C LEU B 101 -18.04 10.75 1.09
N ASP B 102 -17.27 10.43 2.13
CA ASP B 102 -15.82 10.58 2.09
C ASP B 102 -15.10 9.37 1.50
N ILE B 103 -15.59 8.17 1.81
CA ILE B 103 -14.91 6.94 1.42
C ILE B 103 -15.86 6.05 0.63
N LEU B 104 -15.43 5.59 -0.55
CA LEU B 104 -16.20 4.65 -1.35
C LEU B 104 -15.38 3.39 -1.58
N VAL B 105 -15.92 2.24 -1.14
CA VAL B 105 -15.32 0.95 -1.45
C VAL B 105 -16.22 0.12 -2.37
N ASN B 106 -15.75 -0.10 -3.60
CA ASN B 106 -16.44 -1.00 -4.50
C ASN B 106 -15.93 -2.43 -4.27
N ASN B 107 -16.64 -3.14 -3.40
CA ASN B 107 -16.29 -4.51 -3.02
C ASN B 107 -17.22 -5.55 -3.61
N ALA B 108 -18.52 -5.26 -3.70
CA ALA B 108 -19.48 -6.25 -4.16
C ALA B 108 -19.08 -6.81 -5.52
N GLY B 109 -19.18 -8.13 -5.65
CA GLY B 109 -18.90 -8.77 -6.93
C GLY B 109 -19.38 -10.21 -6.99
N VAL B 110 -19.42 -10.74 -8.22
CA VAL B 110 -19.83 -12.11 -8.43
C VAL B 110 -18.76 -12.91 -9.15
N MET B 111 -18.79 -14.23 -8.97
CA MET B 111 -17.93 -15.15 -9.71
C MET B 111 -18.73 -16.34 -10.22
N ALA B 112 -18.39 -16.81 -11.42
CA ALA B 112 -19.06 -17.99 -11.97
C ALA B 112 -18.11 -18.84 -12.81
N MET B 113 -17.35 -19.73 -12.13
CA MET B 113 -16.44 -20.67 -12.79
C MET B 113 -17.12 -21.47 -13.90
N GLY B 114 -16.32 -21.99 -14.83
CA GLY B 114 -16.84 -22.77 -15.95
C GLY B 114 -15.88 -22.79 -17.13
N ALA B 115 -16.04 -23.79 -17.98
CA ALA B 115 -15.21 -23.90 -19.17
C ALA B 115 -15.49 -22.70 -20.10
N PRO B 116 -14.45 -22.13 -20.75
CA PRO B 116 -14.69 -20.98 -21.65
C PRO B 116 -15.74 -21.26 -22.75
N GLU B 117 -15.85 -22.50 -23.18
CA GLU B 117 -16.78 -22.91 -24.24
C GLU B 117 -18.23 -22.91 -23.80
N GLU B 118 -18.48 -22.75 -22.50
CA GLU B 118 -19.84 -22.82 -21.99
C GLU B 118 -20.42 -21.48 -21.61
N VAL B 119 -19.58 -20.44 -21.60
CA VAL B 119 -20.02 -19.09 -21.24
C VAL B 119 -21.10 -18.60 -22.23
N THR B 120 -22.24 -18.19 -21.70
CA THR B 120 -23.32 -17.64 -22.51
C THR B 120 -23.30 -16.10 -22.44
N PRO B 121 -23.93 -15.42 -23.42
CA PRO B 121 -23.95 -13.96 -23.38
C PRO B 121 -24.59 -13.42 -22.10
N GLU B 122 -25.59 -14.14 -21.60
CA GLU B 122 -26.28 -13.77 -20.38
C GLU B 122 -25.33 -13.81 -19.18
N MET B 123 -24.50 -14.86 -19.13
CA MET B 123 -23.48 -15.00 -18.10
C MET B 123 -22.43 -13.90 -18.19
N PHE B 124 -22.02 -13.57 -19.42
CA PHE B 124 -21.13 -12.44 -19.67
C PHE B 124 -21.73 -11.12 -19.18
N ASP B 125 -22.99 -10.88 -19.52
CA ASP B 125 -23.65 -9.62 -19.17
C ASP B 125 -23.70 -9.40 -17.68
N ARG B 126 -24.04 -10.47 -16.95
CA ARG B 126 -24.20 -10.44 -15.50
C ARG B 126 -22.86 -10.10 -14.83
N MET B 127 -21.81 -10.81 -15.23
CA MET B 127 -20.46 -10.54 -14.73
C MET B 127 -20.07 -9.06 -14.92
N MET B 128 -20.22 -8.57 -16.14
CA MET B 128 -19.86 -7.20 -16.47
C MET B 128 -20.75 -6.20 -15.71
N ALA B 129 -22.06 -6.44 -15.74
CA ALA B 129 -23.03 -5.57 -15.06
C ALA B 129 -22.70 -5.33 -13.58
N VAL B 130 -22.39 -6.39 -12.86
CA VAL B 130 -22.12 -6.30 -11.41
C VAL B 130 -20.69 -5.87 -11.07
N ASN B 131 -19.71 -6.38 -11.82
CA ASN B 131 -18.30 -6.18 -11.46
C ASN B 131 -17.65 -4.93 -12.04
N ALA B 132 -18.25 -4.36 -13.09
CA ALA B 132 -17.58 -3.30 -13.85
C ALA B 132 -18.48 -2.10 -14.12
N LYS B 133 -19.67 -2.35 -14.66
CA LYS B 133 -20.61 -1.26 -14.94
C LYS B 133 -21.08 -0.56 -13.66
N ALA B 134 -21.54 -1.35 -12.69
CA ALA B 134 -22.08 -0.78 -11.46
C ALA B 134 -21.01 0.02 -10.71
N PRO B 135 -19.78 -0.54 -10.57
CA PRO B 135 -18.72 0.26 -9.96
C PRO B 135 -18.48 1.62 -10.66
N PHE B 136 -18.53 1.65 -12.00
CA PHE B 136 -18.39 2.91 -12.75
C PHE B 136 -19.47 3.92 -12.39
N PHE B 137 -20.74 3.49 -12.45
CA PHE B 137 -21.83 4.41 -12.20
C PHE B 137 -21.97 4.79 -10.74
N ILE B 138 -21.50 3.92 -9.86
CA ILE B 138 -21.46 4.26 -8.44
C ILE B 138 -20.42 5.37 -8.20
N VAL B 139 -19.23 5.21 -8.81
CA VAL B 139 -18.19 6.25 -8.81
C VAL B 139 -18.71 7.55 -9.40
N GLN B 140 -19.34 7.47 -10.58
CA GLN B 140 -19.90 8.64 -11.25
C GLN B 140 -20.88 9.39 -10.34
N ARG B 141 -21.73 8.63 -9.62
CA ARG B 141 -22.72 9.22 -8.75
C ARG B 141 -22.11 9.77 -7.46
N ALA B 142 -21.18 9.01 -6.86
CA ALA B 142 -20.50 9.49 -5.65
C ALA B 142 -19.77 10.84 -5.83
N LEU B 143 -19.25 11.10 -7.03
CA LEU B 143 -18.53 12.35 -7.28
C LEU B 143 -19.34 13.60 -6.89
N SER B 144 -20.66 13.55 -7.08
CA SER B 144 -21.53 14.70 -6.74
C SER B 144 -21.59 15.01 -5.25
N VAL B 145 -21.24 14.03 -4.41
CA VAL B 145 -21.33 14.17 -2.96
C VAL B 145 -20.01 13.92 -2.20
N MET B 146 -18.91 13.73 -2.93
CA MET B 146 -17.61 13.45 -2.31
C MET B 146 -16.76 14.71 -2.16
N PRO B 147 -16.43 15.06 -0.92
CA PRO B 147 -15.67 16.29 -0.73
C PRO B 147 -14.21 16.04 -1.09
N ASP B 148 -13.43 17.11 -1.19
CA ASP B 148 -12.00 16.98 -1.40
C ASP B 148 -11.38 16.13 -0.31
N GLY B 149 -10.30 15.42 -0.64
CA GLY B 149 -9.60 14.55 0.32
C GLY B 149 -10.28 13.21 0.46
N GLY B 150 -11.26 12.95 -0.41
CA GLY B 150 -11.98 11.68 -0.43
C GLY B 150 -11.17 10.50 -0.92
N ARG B 151 -11.79 9.33 -0.87
CA ARG B 151 -11.12 8.07 -1.19
C ARG B 151 -12.06 7.17 -1.99
N ILE B 152 -11.51 6.54 -3.03
CA ILE B 152 -12.22 5.52 -3.80
C ILE B 152 -11.29 4.31 -3.92
N ILE B 153 -11.80 3.15 -3.52
CA ILE B 153 -11.01 1.91 -3.50
C ILE B 153 -11.86 0.85 -4.18
N ASN B 154 -11.33 0.25 -5.24
CA ASN B 154 -12.00 -0.81 -5.98
C ASN B 154 -11.36 -2.19 -5.71
N VAL B 155 -12.18 -3.16 -5.36
CA VAL B 155 -11.61 -4.46 -5.03
C VAL B 155 -11.51 -5.30 -6.31
N SER B 156 -10.29 -5.49 -6.78
CA SER B 156 -10.05 -6.23 -8.02
C SER B 156 -9.78 -7.70 -7.68
N SER B 157 -8.75 -8.28 -8.29
CA SER B 157 -8.34 -9.69 -8.07
C SER B 157 -6.98 -9.93 -8.71
N GLY B 158 -6.23 -10.90 -8.17
CA GLY B 158 -4.95 -11.29 -8.74
C GLY B 158 -5.18 -12.10 -10.01
N LEU B 159 -6.44 -12.44 -10.26
CA LEU B 159 -6.84 -13.14 -11.49
C LEU B 159 -6.71 -12.28 -12.74
N THR B 160 -6.51 -10.97 -12.57
CA THR B 160 -6.14 -10.14 -13.71
C THR B 160 -4.66 -10.29 -14.10
N ARG B 161 -3.87 -10.96 -13.26
CA ARG B 161 -2.43 -11.14 -13.53
C ARG B 161 -2.03 -12.62 -13.65
N VAL B 162 -2.95 -13.53 -13.33
CA VAL B 162 -2.69 -14.96 -13.47
C VAL B 162 -3.70 -15.58 -14.44
N ALA B 163 -3.20 -16.23 -15.49
CA ALA B 163 -4.05 -16.89 -16.47
C ALA B 163 -4.83 -18.05 -15.83
N SER B 164 -6.16 -18.03 -16.00
CA SER B 164 -7.04 -19.06 -15.45
C SER B 164 -8.26 -19.22 -16.35
N PRO B 165 -8.18 -20.15 -17.34
CA PRO B 165 -9.18 -20.30 -18.38
C PRO B 165 -10.63 -20.34 -17.85
N ASP B 166 -10.85 -21.07 -16.75
CA ASP B 166 -12.17 -21.20 -16.14
C ASP B 166 -12.74 -19.90 -15.57
N GLN B 167 -11.94 -18.84 -15.56
CA GLN B 167 -12.31 -17.56 -14.95
C GLN B 167 -12.18 -16.36 -15.88
N VAL B 168 -12.13 -16.60 -17.20
CA VAL B 168 -11.84 -15.56 -18.18
C VAL B 168 -12.84 -14.39 -18.18
N THR B 169 -14.12 -14.72 -18.04
CA THR B 169 -15.16 -13.72 -18.00
C THR B 169 -14.97 -12.81 -16.77
N TYR B 170 -14.71 -13.44 -15.63
CA TYR B 170 -14.44 -12.75 -14.37
C TYR B 170 -13.18 -11.88 -14.47
N GLY B 171 -12.13 -12.41 -15.10
CA GLY B 171 -10.89 -11.64 -15.27
C GLY B 171 -11.15 -10.40 -16.12
N MET B 172 -11.91 -10.59 -17.22
CA MET B 172 -12.31 -9.49 -18.09
C MET B 172 -13.01 -8.39 -17.31
N SER B 173 -13.95 -8.78 -16.44
CA SER B 173 -14.70 -7.81 -15.66
C SER B 173 -13.79 -7.01 -14.73
N LYS B 174 -12.87 -7.71 -14.08
CA LYS B 174 -11.94 -7.07 -13.13
C LYS B 174 -10.87 -6.25 -13.81
N GLY B 175 -10.51 -6.62 -15.04
CA GLY B 175 -9.56 -5.86 -15.84
C GLY B 175 -10.19 -4.56 -16.27
N ALA B 176 -11.51 -4.57 -16.48
CA ALA B 176 -12.28 -3.35 -16.76
C ALA B 176 -12.33 -2.46 -15.52
N LEU B 177 -12.62 -3.08 -14.38
CA LEU B 177 -12.68 -2.40 -13.10
C LEU B 177 -11.35 -1.66 -12.78
N GLU B 178 -10.23 -2.30 -13.10
CA GLU B 178 -8.92 -1.69 -12.78
C GLU B 178 -8.68 -0.39 -13.55
N GLN B 179 -9.33 -0.23 -14.70
CA GLN B 179 -9.22 1.00 -15.50
C GLN B 179 -9.86 2.23 -14.84
N ILE B 180 -10.74 2.00 -13.87
CA ILE B 180 -11.36 3.11 -13.15
C ILE B 180 -10.29 3.89 -12.37
N ALA B 181 -9.51 3.16 -11.57
CA ALA B 181 -8.39 3.80 -10.84
C ALA B 181 -7.48 4.64 -11.76
N LEU B 182 -7.03 4.07 -12.89
CA LEU B 182 -6.12 4.78 -13.80
C LEU B 182 -6.67 6.13 -14.29
N HIS B 183 -7.87 6.11 -14.88
CA HIS B 183 -8.43 7.31 -15.52
C HIS B 183 -9.02 8.30 -14.56
N PHE B 184 -9.72 7.81 -13.53
CA PHE B 184 -10.27 8.69 -12.49
C PHE B 184 -9.22 9.32 -11.56
N SER B 185 -8.10 8.64 -11.31
CA SER B 185 -7.07 9.29 -10.48
C SER B 185 -6.62 10.62 -11.08
N ARG B 186 -6.32 10.64 -12.38
CA ARG B 186 -5.97 11.88 -13.10
C ARG B 186 -7.10 12.91 -13.11
N HIS B 187 -8.32 12.45 -13.35
CA HIS B 187 -9.50 13.32 -13.37
C HIS B 187 -9.66 14.03 -12.05
N LEU B 188 -9.40 13.34 -10.94
CA LEU B 188 -9.70 13.85 -9.60
C LEU B 188 -8.51 14.42 -8.84
N GLY B 189 -7.35 14.49 -9.50
CA GLY B 189 -6.12 14.99 -8.90
C GLY B 189 -6.20 16.32 -8.17
N SER B 190 -6.82 17.33 -8.82
CA SER B 190 -6.92 18.66 -8.19
C SER B 190 -7.92 18.71 -7.02
N ARG B 191 -8.83 17.73 -6.97
CA ARG B 191 -9.75 17.57 -5.84
C ARG B 191 -9.15 16.72 -4.71
N ARG B 192 -7.93 16.21 -4.92
CA ARG B 192 -7.22 15.39 -3.94
C ARG B 192 -8.01 14.13 -3.53
N ILE B 193 -8.76 13.56 -4.46
CA ILE B 193 -9.44 12.30 -4.22
C ILE B 193 -8.55 11.20 -4.81
N THR B 194 -8.17 10.23 -3.99
CA THR B 194 -7.32 9.13 -4.48
C THR B 194 -8.20 7.99 -4.97
N VAL B 195 -7.78 7.38 -6.08
CA VAL B 195 -8.50 6.25 -6.63
C VAL B 195 -7.53 5.11 -6.88
N ASN B 196 -7.77 3.97 -6.23
CA ASN B 196 -6.84 2.85 -6.25
C ASN B 196 -7.55 1.52 -6.43
N SER B 197 -6.82 0.52 -6.93
CA SER B 197 -7.27 -0.87 -7.02
C SER B 197 -6.53 -1.73 -6.00
N VAL B 198 -7.26 -2.58 -5.29
CA VAL B 198 -6.62 -3.56 -4.41
C VAL B 198 -6.96 -4.97 -4.90
N ALA B 199 -5.94 -5.79 -5.05
CA ALA B 199 -6.08 -7.11 -5.63
C ALA B 199 -5.81 -8.21 -4.59
N PRO B 200 -6.88 -8.75 -3.99
CA PRO B 200 -6.67 -9.87 -3.08
C PRO B 200 -6.30 -11.16 -3.85
N GLY B 201 -5.55 -12.06 -3.20
CA GLY B 201 -5.43 -13.42 -3.70
C GLY B 201 -6.57 -14.22 -3.12
N SER B 202 -6.45 -15.54 -3.13
CA SER B 202 -7.43 -16.42 -2.47
C SER B 202 -7.69 -16.02 -1.02
N THR B 203 -8.96 -15.70 -0.70
CA THR B 203 -9.37 -15.29 0.63
C THR B 203 -10.57 -16.10 1.10
N ASP B 204 -10.46 -16.72 2.28
CA ASP B 204 -11.57 -17.49 2.83
C ASP B 204 -12.73 -16.57 3.23
N ASN B 205 -13.77 -16.53 2.40
CA ASN B 205 -14.94 -15.70 2.63
C ASN B 205 -16.02 -16.43 3.43
N GLY B 206 -15.75 -17.68 3.80
CA GLY B 206 -16.69 -18.50 4.54
C GLY B 206 -17.54 -19.39 3.65
N SER B 207 -17.86 -18.90 2.45
CA SER B 207 -18.75 -19.59 1.50
C SER B 207 -18.53 -21.11 1.40
N ALA B 208 -19.61 -21.80 1.04
CA ALA B 208 -19.62 -23.26 0.91
C ALA B 208 -18.58 -23.76 -0.08
N LEU B 209 -18.38 -22.99 -1.16
CA LEU B 209 -17.45 -23.38 -2.23
C LEU B 209 -15.98 -23.32 -1.80
N PHE B 210 -15.72 -22.68 -0.65
CA PHE B 210 -14.40 -22.72 -0.01
C PHE B 210 -14.27 -23.91 0.92
N GLN B 211 -15.41 -24.51 1.25
CA GLN B 211 -15.44 -25.71 2.08
C GLN B 211 -15.53 -27.00 1.25
N ILE B 212 -15.51 -26.86 -0.08
CA ILE B 212 -15.25 -28.01 -0.95
C ILE B 212 -13.79 -28.41 -0.74
N PRO B 213 -13.55 -29.66 -0.30
CA PRO B 213 -12.21 -30.12 0.08
C PRO B 213 -11.22 -30.21 -1.09
N GLU B 214 -11.73 -30.22 -2.32
CA GLU B 214 -10.88 -30.20 -3.53
C GLU B 214 -10.61 -28.77 -4.00
N VAL B 215 -11.00 -27.79 -3.19
CA VAL B 215 -10.86 -26.37 -3.51
C VAL B 215 -9.94 -25.66 -2.51
N ARG B 216 -10.08 -25.98 -1.22
CA ARG B 216 -9.24 -25.39 -0.17
C ARG B 216 -7.76 -25.79 -0.36
N GLU B 217 -7.55 -26.92 -1.02
CA GLU B 217 -6.25 -27.34 -1.54
C GLU B 217 -6.00 -26.56 -2.83
N THR B 218 -4.76 -26.53 -3.30
CA THR B 218 -4.38 -25.77 -4.51
C THR B 218 -4.53 -24.25 -4.36
N LEU B 219 -5.67 -23.80 -3.79
CA LEU B 219 -5.88 -22.37 -3.50
C LEU B 219 -4.87 -21.88 -2.47
N SER B 220 -4.62 -22.70 -1.46
CA SER B 220 -3.64 -22.39 -0.42
C SER B 220 -2.21 -22.32 -0.97
N GLN B 221 -1.96 -23.06 -2.06
CA GLN B 221 -0.65 -23.11 -2.72
C GLN B 221 -0.36 -21.88 -3.59
N LEU B 222 -1.40 -21.12 -3.92
CA LEU B 222 -1.24 -19.91 -4.71
C LEU B 222 -0.30 -18.91 -4.03
N SER B 223 -0.55 -18.62 -2.75
CA SER B 223 0.29 -17.70 -1.98
C SER B 223 1.67 -18.25 -1.64
N THR B 224 2.67 -17.38 -1.69
CA THR B 224 4.01 -17.70 -1.21
C THR B 224 4.04 -18.07 0.30
N PHE B 225 2.94 -17.80 0.99
CA PHE B 225 2.85 -18.09 2.42
C PHE B 225 2.22 -19.47 2.65
N GLY B 226 1.66 -20.06 1.59
CA GLY B 226 1.09 -21.41 1.67
C GLY B 226 -0.22 -21.53 2.42
N GLU B 227 -0.97 -20.42 2.48
CA GLU B 227 -2.30 -20.37 3.08
C GLU B 227 -3.22 -19.46 2.25
N VAL B 228 -4.53 -19.63 2.40
CA VAL B 228 -5.47 -18.59 1.96
C VAL B 228 -5.49 -17.45 2.98
N ALA B 229 -5.79 -16.23 2.51
CA ALA B 229 -5.93 -15.06 3.36
C ALA B 229 -7.18 -15.12 4.25
N GLU B 230 -7.06 -14.53 5.44
CA GLU B 230 -8.24 -14.19 6.24
C GLU B 230 -8.70 -12.84 5.70
N PRO B 231 -10.03 -12.59 5.68
CA PRO B 231 -10.57 -11.31 5.22
C PRO B 231 -9.96 -10.08 5.93
N ALA B 232 -9.66 -10.20 7.23
CA ALA B 232 -9.00 -9.13 7.97
C ALA B 232 -7.68 -8.66 7.34
N ALA B 233 -6.92 -9.60 6.76
CA ALA B 233 -5.67 -9.27 6.08
C ALA B 233 -5.86 -8.33 4.89
N ILE B 234 -6.95 -8.52 4.15
CA ILE B 234 -7.32 -7.63 3.06
C ILE B 234 -7.91 -6.30 3.58
N ALA B 235 -8.82 -6.41 4.55
CA ALA B 235 -9.42 -5.22 5.18
C ALA B 235 -8.38 -4.23 5.72
N ASP B 236 -7.32 -4.77 6.30
CA ASP B 236 -6.25 -3.93 6.83
C ASP B 236 -5.59 -3.08 5.76
N VAL B 237 -5.43 -3.65 4.58
CA VAL B 237 -4.88 -2.92 3.43
C VAL B 237 -5.83 -1.82 2.97
N VAL B 238 -7.12 -2.16 2.86
CA VAL B 238 -8.14 -1.19 2.45
C VAL B 238 -8.24 -0.03 3.46
N ALA B 239 -8.29 -0.36 4.74
CA ALA B 239 -8.33 0.65 5.79
C ALA B 239 -7.15 1.64 5.67
N PHE B 240 -5.97 1.12 5.35
CA PHE B 240 -4.81 1.97 5.14
C PHE B 240 -5.04 2.92 3.97
N LEU B 241 -5.51 2.40 2.84
CA LEU B 241 -5.77 3.22 1.65
C LEU B 241 -6.78 4.33 1.90
N ALA B 242 -7.78 4.06 2.75
CA ALA B 242 -8.79 5.02 3.15
C ALA B 242 -8.25 6.12 4.08
N SER B 243 -7.03 5.96 4.55
CA SER B 243 -6.51 6.86 5.56
C SER B 243 -5.62 7.98 5.00
N GLU B 244 -5.36 8.93 5.87
CA GLU B 244 -4.43 10.03 5.65
C GLU B 244 -3.00 9.56 5.30
N ASP B 245 -2.62 8.37 5.76
CA ASP B 245 -1.26 7.87 5.54
C ASP B 245 -1.02 7.43 4.09
N ALA B 246 -2.11 7.19 3.36
CA ALA B 246 -2.06 6.78 1.96
C ALA B 246 -2.35 7.94 0.99
N ARG B 247 -2.11 9.18 1.43
CA ARG B 247 -2.44 10.38 0.63
C ARG B 247 -1.62 10.53 -0.66
N TRP B 248 -0.42 9.95 -0.69
CA TRP B 248 0.43 10.04 -1.88
C TRP B 248 0.34 8.84 -2.80
N ILE B 249 -0.68 7.99 -2.59
CA ILE B 249 -0.93 6.82 -3.44
C ILE B 249 -2.22 7.08 -4.19
N THR B 250 -2.16 7.09 -5.52
CA THR B 250 -3.38 7.24 -6.35
C THR B 250 -3.11 6.64 -7.72
N GLY B 251 -4.13 6.06 -8.32
CA GLY B 251 -4.00 5.40 -9.61
C GLY B 251 -3.15 4.14 -9.56
N ALA B 252 -3.05 3.52 -8.39
CA ALA B 252 -2.14 2.39 -8.18
C ALA B 252 -2.85 1.06 -8.14
N PHE B 253 -2.10 0.02 -8.49
CA PHE B 253 -2.54 -1.36 -8.35
C PHE B 253 -1.81 -1.86 -7.12
N ILE B 254 -2.56 -2.20 -6.07
CA ILE B 254 -2.02 -2.61 -4.77
C ILE B 254 -2.19 -4.12 -4.59
N ASP B 255 -1.06 -4.81 -4.56
CA ASP B 255 -1.00 -6.26 -4.55
C ASP B 255 -1.15 -6.80 -3.12
N ALA B 256 -2.35 -7.24 -2.75
CA ALA B 256 -2.60 -7.84 -1.44
C ALA B 256 -2.86 -9.34 -1.52
N SER B 257 -2.03 -10.02 -2.31
CA SER B 257 -2.26 -11.41 -2.68
C SER B 257 -1.39 -12.36 -1.89
N GLY B 258 -0.60 -11.81 -0.96
CA GLY B 258 0.35 -12.60 -0.20
C GLY B 258 1.34 -13.33 -1.11
N GLY B 259 1.84 -12.61 -2.12
CA GLY B 259 2.84 -13.19 -3.02
C GLY B 259 2.29 -14.25 -3.96
N THR B 260 1.09 -14.02 -4.47
CA THR B 260 0.51 -14.88 -5.50
C THR B 260 0.99 -14.50 -6.90
N LEU B 261 1.42 -13.25 -7.06
CA LEU B 261 1.78 -12.72 -8.36
C LEU B 261 3.27 -12.92 -8.67
N LEU B 262 3.89 -13.95 -8.10
CA LEU B 262 5.34 -14.12 -8.25
C LEU B 262 5.76 -14.92 -9.48
N GLY B 263 4.79 -15.38 -10.27
CA GLY B 263 5.06 -15.98 -11.58
C GLY B 263 5.18 -17.50 -11.55
#